data_1AXL
#
_entry.id   1AXL
#
_cell.length_a   1.000
_cell.length_b   1.000
_cell.length_c   1.000
_cell.angle_alpha   90.00
_cell.angle_beta   90.00
_cell.angle_gamma   90.00
#
_symmetry.space_group_name_H-M   'P 1'
#
loop_
_entity.id
_entity.type
_entity.pdbx_description
1 polymer 'DNA DUPLEX D(CCATC-[BP]G-CTACC)D(GGTAG--GATGG)'
2 polymer 'DNA DUPLEX D(CCATC-[BP]G-CTACC)D(GGTAG--GATGG)'
3 non-polymer 1,2,3-TRIHYDROXY-1,2,3,4-TETRAHYDROBENZO[A]PYRENE
#
loop_
_entity_poly.entity_id
_entity_poly.type
_entity_poly.pdbx_seq_one_letter_code
_entity_poly.pdbx_strand_id
1 'polydeoxyribonucleotide' (DC)(DC)(DA)(DT)(DC)(DG)(DC)(DT)(DA)(DC)(DC) A
2 'polydeoxyribonucleotide' (DG)(DG)(DT)(DA)(DG)(DG)(DA)(DT)(DG)(DG) B
#